data_5J4O
#
_entry.id   5J4O
#
_cell.length_a   37.640
_cell.length_b   43.670
_cell.length_c   154.280
_cell.angle_alpha   90.00
_cell.angle_beta   90.00
_cell.angle_gamma   90.00
#
_symmetry.space_group_name_H-M   'P 21 21 21'
#
loop_
_entity.id
_entity.type
_entity.pdbx_description
1 polymer 'Spectrin alpha chain, erythrocytic 1'
2 non-polymer 1,2-ETHANEDIOL
3 non-polymer 'TETRAETHYLENE GLYCOL'
4 water water
#
_entity_poly.entity_id   1
_entity_poly.type   'polypeptide(L)'
_entity_poly.pdbx_seq_one_letter_code
;GPGKGKKLNEASRQQRFNTSIRDFEFWLSEAETLLAMKDQARDLASAGNLLKKHQLLEREMLAREDALKDLNTLAEDLLS
SGTFNVDQIVKKKDNVNKRFLNVQELAAAHHEKLKEAYALFQFFQDLDDEESWIEEKLIRVSSQDYGRDLQGVQNLLKKH
KRLEGELVAHEPAIQNVLDMAEKLKDKAAVGQEEIQLRLAQFVEHWEKLKELAKARGLKLEESLEYLQFMQ
;
_entity_poly.pdbx_strand_id   A
#
# COMPACT_ATOMS: atom_id res chain seq x y z
N GLU A 10 -2.85 -30.93 33.78
CA GLU A 10 -2.51 -31.19 35.19
C GLU A 10 -1.29 -30.37 35.67
N ALA A 11 -0.75 -29.44 34.86
CA ALA A 11 0.46 -28.75 35.26
C ALA A 11 0.33 -27.93 36.53
N SER A 12 1.42 -27.82 37.32
CA SER A 12 1.43 -26.97 38.49
C SER A 12 1.42 -25.47 38.06
N ARG A 13 1.16 -24.58 39.02
CA ARG A 13 1.14 -23.14 38.76
C ARG A 13 2.51 -22.74 38.21
N GLN A 14 3.61 -23.26 38.83
CA GLN A 14 4.94 -22.90 38.37
C GLN A 14 5.22 -23.39 36.94
N GLN A 15 4.78 -24.60 36.62
CA GLN A 15 4.97 -25.15 35.27
CA GLN A 15 5.00 -25.11 35.25
C GLN A 15 4.17 -24.33 34.25
N ARG A 16 2.91 -23.99 34.61
CA ARG A 16 2.09 -23.21 33.68
CA ARG A 16 2.06 -23.16 33.74
C ARG A 16 2.72 -21.83 33.47
N PHE A 17 3.25 -21.22 34.53
CA PHE A 17 3.93 -19.93 34.39
C PHE A 17 5.10 -20.03 33.44
N ASN A 18 5.93 -21.07 33.63
CA ASN A 18 7.09 -21.21 32.75
C ASN A 18 6.69 -21.44 31.30
N THR A 19 5.67 -22.26 31.06
CA THR A 19 5.21 -22.50 29.68
C THR A 19 4.66 -21.23 29.04
N SER A 20 3.92 -20.42 29.85
CA SER A 20 3.34 -19.17 29.36
CA SER A 20 3.34 -19.18 29.33
C SER A 20 4.42 -18.16 29.05
N ILE A 21 5.43 -18.06 29.92
CA ILE A 21 6.52 -17.13 29.68
C ILE A 21 7.22 -17.55 28.37
N ARG A 22 7.54 -18.83 28.19
CA ARG A 22 8.17 -19.26 26.93
C ARG A 22 7.34 -18.89 25.70
N ASP A 23 6.02 -19.09 25.78
CA ASP A 23 5.12 -18.77 24.68
C ASP A 23 5.15 -17.28 24.37
N PHE A 24 5.09 -16.43 25.41
CA PHE A 24 5.17 -14.97 25.22
C PHE A 24 6.52 -14.55 24.67
N GLU A 25 7.61 -15.14 25.16
CA GLU A 25 8.94 -14.79 24.67
C GLU A 25 9.05 -15.06 23.17
N PHE A 26 8.55 -16.20 22.72
CA PHE A 26 8.62 -16.51 21.28
C PHE A 26 7.78 -15.52 20.46
N TRP A 27 6.56 -15.22 20.91
CA TRP A 27 5.66 -14.28 20.21
C TRP A 27 6.30 -12.87 20.16
N LEU A 28 6.90 -12.47 21.28
CA LEU A 28 7.57 -11.19 21.35
C LEU A 28 8.77 -11.10 20.40
N SER A 29 9.54 -12.20 20.32
CA SER A 29 10.70 -12.22 19.44
C SER A 29 10.25 -12.10 17.99
N GLU A 30 9.13 -12.74 17.63
CA GLU A 30 8.62 -12.63 16.26
C GLU A 30 8.19 -11.18 15.95
N ALA A 31 7.49 -10.54 16.91
CA ALA A 31 7.02 -9.16 16.75
C ALA A 31 8.20 -8.21 16.68
N GLU A 32 9.24 -8.44 17.50
CA GLU A 32 10.46 -7.61 17.49
C GLU A 32 11.17 -7.75 16.16
N THR A 33 11.20 -8.95 15.60
CA THR A 33 11.80 -9.13 14.27
C THR A 33 11.01 -8.32 13.26
N LEU A 34 9.66 -8.37 13.31
CA LEU A 34 8.85 -7.61 12.35
C LEU A 34 9.13 -6.12 12.48
N LEU A 35 9.25 -5.61 13.70
CA LEU A 35 9.53 -4.19 13.86
C LEU A 35 10.91 -3.85 13.30
N ALA A 36 11.88 -4.74 13.42
CA ALA A 36 13.24 -4.54 12.90
C ALA A 36 13.29 -4.65 11.36
N MET A 37 12.22 -5.16 10.70
CA MET A 37 12.14 -5.27 9.23
C MET A 37 11.48 -4.07 8.60
N LYS A 38 11.28 -2.96 9.36
CA LYS A 38 10.57 -1.76 8.90
C LYS A 38 11.10 -1.23 7.56
N ASP A 39 12.42 -1.26 7.36
CA ASP A 39 13.02 -0.72 6.11
C ASP A 39 13.35 -1.77 5.01
N GLN A 40 12.78 -3.00 5.11
N GLN A 40 12.79 -3.00 5.13
CA GLN A 40 13.00 -4.07 4.12
CA GLN A 40 13.01 -4.07 4.14
C GLN A 40 11.93 -4.11 3.03
C GLN A 40 11.90 -4.15 3.07
N ALA A 41 11.02 -3.13 2.98
CA ALA A 41 9.98 -3.08 1.96
C ALA A 41 10.71 -2.55 0.71
N ARG A 42 11.25 -3.47 -0.12
CA ARG A 42 12.00 -3.11 -1.36
C ARG A 42 11.17 -3.16 -2.61
N ASP A 43 9.97 -3.73 -2.54
CA ASP A 43 9.06 -3.80 -3.67
C ASP A 43 7.64 -4.04 -3.17
N LEU A 44 6.68 -4.01 -4.06
CA LEU A 44 5.27 -4.18 -3.69
C LEU A 44 5.01 -5.51 -2.93
N ALA A 45 5.54 -6.62 -3.44
CA ALA A 45 5.33 -7.92 -2.81
C ALA A 45 5.92 -8.01 -1.39
N SER A 46 7.15 -7.47 -1.22
CA SER A 46 7.78 -7.50 0.09
CA SER A 46 7.80 -7.47 0.09
C SER A 46 7.05 -6.57 1.04
N ALA A 47 6.59 -5.40 0.56
CA ALA A 47 5.80 -4.52 1.44
C ALA A 47 4.50 -5.24 1.84
N GLY A 48 3.90 -5.94 0.86
CA GLY A 48 2.65 -6.65 1.09
C GLY A 48 2.80 -7.77 2.11
N ASN A 49 3.92 -8.52 2.02
CA ASN A 49 4.24 -9.59 2.97
C ASN A 49 4.30 -9.00 4.39
N LEU A 50 5.03 -7.87 4.54
CA LEU A 50 5.14 -7.18 5.85
C LEU A 50 3.82 -6.62 6.35
N LEU A 51 2.96 -6.11 5.43
CA LEU A 51 1.64 -5.60 5.83
C LEU A 51 0.77 -6.74 6.37
N LYS A 52 0.77 -7.91 5.72
CA LYS A 52 0.01 -9.05 6.24
C LYS A 52 0.47 -9.42 7.65
N LYS A 53 1.78 -9.36 7.91
CA LYS A 53 2.30 -9.66 9.26
C LYS A 53 1.83 -8.60 10.27
N HIS A 54 1.81 -7.34 9.85
CA HIS A 54 1.32 -6.25 10.72
C HIS A 54 -0.18 -6.36 11.02
N GLN A 55 -0.96 -6.85 10.04
CA GLN A 55 -2.39 -7.03 10.26
C GLN A 55 -2.62 -8.13 11.32
N LEU A 56 -1.81 -9.18 11.28
CA LEU A 56 -1.91 -10.24 12.29
C LEU A 56 -1.51 -9.70 13.64
N LEU A 57 -0.43 -8.95 13.68
CA LEU A 57 0.02 -8.37 14.97
C LEU A 57 -1.05 -7.46 15.58
N GLU A 58 -1.68 -6.61 14.77
CA GLU A 58 -2.75 -5.69 15.21
C GLU A 58 -3.92 -6.47 15.76
N ARG A 59 -4.30 -7.54 15.05
CA ARG A 59 -5.45 -8.38 15.44
CA ARG A 59 -5.46 -8.33 15.46
C ARG A 59 -5.21 -9.16 16.72
N GLU A 60 -3.95 -9.55 17.00
CA GLU A 60 -3.56 -10.34 18.18
C GLU A 60 -3.24 -9.50 19.40
N MET A 61 -3.07 -8.17 19.24
CA MET A 61 -2.57 -7.32 20.33
C MET A 61 -3.43 -7.34 21.58
N LEU A 62 -4.75 -7.12 21.45
CA LEU A 62 -5.63 -7.04 22.61
C LEU A 62 -5.77 -8.39 23.29
N ALA A 63 -5.71 -9.49 22.51
CA ALA A 63 -5.81 -10.82 23.14
C ALA A 63 -4.53 -11.13 23.89
N ARG A 64 -3.37 -10.70 23.37
CA ARG A 64 -2.12 -10.90 24.10
C ARG A 64 -2.08 -10.03 25.36
N GLU A 65 -2.61 -8.82 25.29
CA GLU A 65 -2.68 -7.92 26.45
C GLU A 65 -3.54 -8.60 27.52
N ASP A 66 -4.64 -9.24 27.11
CA ASP A 66 -5.51 -9.91 28.07
C ASP A 66 -4.81 -11.11 28.72
N ALA A 67 -4.13 -11.92 27.89
CA ALA A 67 -3.37 -13.06 28.40
C ALA A 67 -2.26 -12.61 29.34
N LEU A 68 -1.64 -11.47 29.05
CA LEU A 68 -0.55 -10.96 29.89
C LEU A 68 -1.08 -10.56 31.29
N LYS A 69 -2.31 -10.07 31.37
CA LYS A 69 -2.89 -9.75 32.65
C LYS A 69 -2.97 -11.03 33.48
N ASP A 70 -3.42 -12.14 32.86
CA ASP A 70 -3.53 -13.42 33.60
C ASP A 70 -2.16 -13.99 33.96
N LEU A 71 -1.15 -13.77 33.11
CA LEU A 71 0.21 -14.22 33.39
C LEU A 71 0.74 -13.43 34.60
N ASN A 72 0.45 -12.14 34.66
CA ASN A 72 0.87 -11.30 35.78
C ASN A 72 0.17 -11.74 37.09
N THR A 73 -1.13 -12.07 37.02
CA THR A 73 -1.86 -12.55 38.20
C THR A 73 -1.24 -13.83 38.69
N LEU A 74 -0.90 -14.75 37.75
CA LEU A 74 -0.30 -16.01 38.11
C LEU A 74 1.06 -15.78 38.77
N ALA A 75 1.87 -14.87 38.22
CA ALA A 75 3.17 -14.58 38.81
C ALA A 75 2.96 -14.08 40.21
N GLU A 76 2.01 -13.16 40.44
CA GLU A 76 1.82 -12.62 41.80
C GLU A 76 1.33 -13.69 42.75
N ASP A 77 0.53 -14.65 42.26
CA ASP A 77 0.07 -15.77 43.11
CA ASP A 77 0.05 -15.74 43.11
C ASP A 77 1.25 -16.58 43.52
N LEU A 78 2.19 -16.89 42.58
CA LEU A 78 3.40 -17.62 42.93
C LEU A 78 4.23 -16.87 43.97
N LEU A 79 4.40 -15.57 43.80
CA LEU A 79 5.21 -14.75 44.71
C LEU A 79 4.61 -14.63 46.11
N SER A 80 3.29 -14.63 46.23
CA SER A 80 2.59 -14.54 47.53
CA SER A 80 2.63 -14.53 47.55
C SER A 80 2.57 -15.86 48.28
N SER A 81 2.75 -16.98 47.58
CA SER A 81 2.68 -18.32 48.19
C SER A 81 4.01 -18.92 48.65
N GLY A 82 5.07 -18.12 48.74
CA GLY A 82 6.34 -18.58 49.26
C GLY A 82 7.17 -19.45 48.36
N THR A 83 7.16 -19.17 47.04
CA THR A 83 7.98 -19.95 46.11
CA THR A 83 7.96 -19.87 46.05
C THR A 83 9.48 -19.74 46.33
N PHE A 84 10.26 -20.67 45.84
CA PHE A 84 11.73 -20.71 45.99
C PHE A 84 12.46 -19.78 44.99
N ASN A 85 11.94 -19.67 43.78
CA ASN A 85 12.63 -18.94 42.70
C ASN A 85 11.99 -17.57 42.46
N VAL A 86 11.89 -16.77 43.54
CA VAL A 86 11.30 -15.42 43.51
C VAL A 86 11.98 -14.54 42.45
N ASP A 87 13.30 -14.40 42.52
CA ASP A 87 13.95 -13.52 41.58
C ASP A 87 13.80 -13.95 40.15
N GLN A 88 13.80 -15.26 39.89
CA GLN A 88 13.67 -15.76 38.52
C GLN A 88 12.27 -15.36 37.98
N ILE A 89 11.25 -15.51 38.81
CA ILE A 89 9.89 -15.19 38.40
C ILE A 89 9.76 -13.69 38.13
N VAL A 90 10.32 -12.87 39.03
CA VAL A 90 10.23 -11.42 38.86
C VAL A 90 10.89 -10.98 37.58
N LYS A 91 12.11 -11.47 37.31
CA LYS A 91 12.81 -11.10 36.09
C LYS A 91 12.09 -11.53 34.84
N LYS A 92 11.57 -12.77 34.82
CA LYS A 92 10.86 -13.28 33.64
C LYS A 92 9.61 -12.42 33.36
N LYS A 93 8.84 -12.12 34.40
CA LYS A 93 7.60 -11.36 34.29
C LYS A 93 7.86 -9.96 33.84
N ASP A 94 8.79 -9.28 34.51
CA ASP A 94 9.02 -7.89 34.17
C ASP A 94 9.66 -7.74 32.79
N ASN A 95 10.49 -8.69 32.37
CA ASN A 95 11.07 -8.63 31.03
CA ASN A 95 11.08 -8.65 31.05
C ASN A 95 9.98 -8.77 29.98
N VAL A 96 9.07 -9.72 30.16
CA VAL A 96 7.95 -9.88 29.22
C VAL A 96 7.06 -8.65 29.21
N ASN A 97 6.80 -8.06 30.35
CA ASN A 97 5.94 -6.90 30.37
C ASN A 97 6.62 -5.73 29.62
N LYS A 98 7.93 -5.51 29.86
CA LYS A 98 8.63 -4.39 29.20
C LYS A 98 8.65 -4.58 27.69
N ARG A 99 8.93 -5.83 27.26
CA ARG A 99 9.00 -6.12 25.83
C ARG A 99 7.59 -5.95 25.19
N PHE A 100 6.53 -6.37 25.91
CA PHE A 100 5.20 -6.21 25.34
C PHE A 100 4.84 -4.74 25.17
N LEU A 101 5.15 -3.93 26.19
CA LEU A 101 4.83 -2.49 26.07
C LEU A 101 5.57 -1.87 24.86
N ASN A 102 6.84 -2.28 24.64
CA ASN A 102 7.61 -1.75 23.52
C ASN A 102 6.94 -2.09 22.22
N VAL A 103 6.50 -3.38 22.05
CA VAL A 103 5.80 -3.78 20.81
C VAL A 103 4.52 -2.99 20.65
N GLN A 104 3.72 -2.89 21.73
CA GLN A 104 2.43 -2.20 21.70
C GLN A 104 2.59 -0.72 21.33
N GLU A 105 3.65 -0.08 21.81
CA GLU A 105 3.84 1.35 21.59
C GLU A 105 4.43 1.68 20.24
N LEU A 106 5.07 0.71 19.59
CA LEU A 106 5.64 0.95 18.25
C LEU A 106 4.83 0.41 17.07
N ALA A 107 3.99 -0.61 17.31
CA ALA A 107 3.38 -1.36 16.21
C ALA A 107 2.57 -0.53 15.22
N ALA A 108 1.71 0.33 15.74
CA ALA A 108 0.85 1.11 14.82
C ALA A 108 1.66 2.04 13.92
N ALA A 109 2.72 2.66 14.44
CA ALA A 109 3.55 3.56 13.65
C ALA A 109 4.30 2.83 12.57
N HIS A 110 4.77 1.65 12.90
CA HIS A 110 5.48 0.84 11.90
C HIS A 110 4.50 0.38 10.81
N HIS A 111 3.28 0.01 11.23
CA HIS A 111 2.23 -0.44 10.31
C HIS A 111 1.93 0.69 9.33
N GLU A 112 1.77 1.91 9.87
CA GLU A 112 1.49 3.07 9.02
C GLU A 112 2.61 3.37 8.05
N LYS A 113 3.88 3.26 8.48
CA LYS A 113 4.99 3.48 7.56
C LYS A 113 5.01 2.44 6.43
N LEU A 114 4.62 1.18 6.73
CA LEU A 114 4.56 0.15 5.69
C LEU A 114 3.39 0.36 4.73
N LYS A 115 2.27 0.91 5.22
CA LYS A 115 1.13 1.23 4.35
C LYS A 115 1.59 2.32 3.37
N GLU A 116 2.40 3.30 3.84
CA GLU A 116 2.94 4.35 2.97
C GLU A 116 3.92 3.80 1.95
N ALA A 117 4.76 2.81 2.33
CA ALA A 117 5.71 2.17 1.40
C ALA A 117 4.95 1.42 0.30
N TYR A 118 3.91 0.67 0.67
CA TYR A 118 3.09 -0.09 -0.30
C TYR A 118 2.41 0.90 -1.21
N ALA A 119 1.85 1.97 -0.65
CA ALA A 119 1.22 2.99 -1.49
C ALA A 119 2.23 3.65 -2.50
N LEU A 120 3.47 3.89 -2.08
CA LEU A 120 4.51 4.48 -2.94
C LEU A 120 4.85 3.51 -4.07
N PHE A 121 5.01 2.22 -3.76
CA PHE A 121 5.32 1.24 -4.81
C PHE A 121 4.18 1.11 -5.78
N GLN A 122 2.93 1.09 -5.29
CA GLN A 122 1.77 1.05 -6.19
C GLN A 122 1.68 2.32 -7.07
N PHE A 123 2.00 3.49 -6.51
CA PHE A 123 2.01 4.75 -7.25
C PHE A 123 2.98 4.67 -8.43
N PHE A 124 4.21 4.17 -8.18
CA PHE A 124 5.21 4.04 -9.25
C PHE A 124 4.80 3.04 -10.32
N GLN A 125 4.09 1.96 -9.97
CA GLN A 125 3.58 1.00 -10.96
C GLN A 125 2.51 1.71 -11.78
N ASP A 126 1.63 2.50 -11.12
CA ASP A 126 0.53 3.21 -11.81
C ASP A 126 1.06 4.29 -12.75
N LEU A 127 2.13 4.97 -12.33
CA LEU A 127 2.76 6.01 -13.19
C LEU A 127 3.33 5.33 -14.44
N ASP A 128 4.06 4.21 -14.28
CA ASP A 128 4.66 3.47 -15.42
C ASP A 128 3.59 3.06 -16.40
N ASP A 129 2.54 2.39 -15.89
CA ASP A 129 1.39 1.91 -16.67
C ASP A 129 0.68 2.99 -17.42
N GLU A 130 0.37 4.10 -16.74
CA GLU A 130 -0.38 5.20 -17.38
C GLU A 130 0.47 5.94 -18.39
N GLU A 131 1.81 6.06 -18.14
CA GLU A 131 2.68 6.67 -19.17
C GLU A 131 2.60 5.84 -20.45
N SER A 132 2.69 4.51 -20.35
CA SER A 132 2.61 3.64 -21.55
C SER A 132 1.24 3.74 -22.25
N TRP A 133 0.18 3.81 -21.48
CA TRP A 133 -1.16 3.92 -22.01
C TRP A 133 -1.32 5.24 -22.85
N ILE A 134 -0.82 6.38 -22.31
CA ILE A 134 -0.89 7.67 -23.02
C ILE A 134 -0.06 7.56 -24.30
N GLU A 135 1.16 7.01 -24.20
CA GLU A 135 2.02 6.87 -25.40
C GLU A 135 1.35 6.07 -26.51
N GLU A 136 0.68 4.95 -26.18
CA GLU A 136 0.01 4.16 -27.22
C GLU A 136 -1.15 4.97 -27.86
N LYS A 137 -1.89 5.74 -27.05
CA LYS A 137 -3.00 6.55 -27.54
C LYS A 137 -2.52 7.71 -28.37
N LEU A 138 -1.31 8.24 -28.07
CA LEU A 138 -0.77 9.32 -28.88
C LEU A 138 -0.45 8.82 -30.30
N ILE A 139 -0.07 7.56 -30.46
CA ILE A 139 0.14 6.97 -31.80
C ILE A 139 -1.22 6.88 -32.49
N ARG A 140 -2.22 6.25 -31.82
CA ARG A 140 -3.57 6.08 -32.38
C ARG A 140 -4.22 7.37 -32.87
N VAL A 141 -4.07 8.47 -32.11
CA VAL A 141 -4.69 9.74 -32.44
C VAL A 141 -3.95 10.53 -33.49
N SER A 142 -2.66 10.23 -33.72
CA SER A 142 -1.84 11.01 -34.63
C SER A 142 -2.08 10.60 -36.09
N SER A 143 -3.31 10.82 -36.55
CA SER A 143 -3.72 10.54 -37.92
C SER A 143 -4.21 11.84 -38.53
N GLN A 144 -3.90 12.04 -39.83
CA GLN A 144 -4.35 13.17 -40.63
C GLN A 144 -5.34 12.68 -41.68
N ASP A 145 -5.83 11.42 -41.56
CA ASP A 145 -6.83 10.89 -42.45
C ASP A 145 -8.17 11.39 -41.94
N TYR A 146 -8.86 12.23 -42.73
CA TYR A 146 -10.19 12.73 -42.37
C TYR A 146 -11.24 12.17 -43.36
N GLY A 147 -10.88 11.19 -44.19
CA GLY A 147 -11.79 10.56 -45.14
C GLY A 147 -11.83 11.25 -46.49
N ARG A 148 -11.94 10.43 -47.56
CA ARG A 148 -12.02 10.88 -48.95
C ARG A 148 -13.43 10.73 -49.54
N ASP A 149 -14.26 9.91 -48.89
CA ASP A 149 -15.63 9.67 -49.31
C ASP A 149 -16.47 9.49 -48.05
N LEU A 150 -17.78 9.53 -48.22
CA LEU A 150 -18.74 9.39 -47.13
C LEU A 150 -18.57 8.10 -46.30
N GLN A 151 -18.42 6.91 -46.91
CA GLN A 151 -18.22 5.70 -46.10
C GLN A 151 -16.90 5.74 -45.31
N GLY A 152 -15.85 6.30 -45.92
CA GLY A 152 -14.55 6.43 -45.27
C GLY A 152 -14.59 7.29 -44.03
N VAL A 153 -15.14 8.51 -44.13
CA VAL A 153 -15.23 9.41 -42.97
C VAL A 153 -16.15 8.80 -41.94
N GLN A 154 -17.20 8.06 -42.38
CA GLN A 154 -18.07 7.43 -41.37
C GLN A 154 -17.32 6.35 -40.60
N ASN A 155 -16.42 5.61 -41.26
CA ASN A 155 -15.60 4.59 -40.59
C ASN A 155 -14.62 5.25 -39.59
N LEU A 156 -13.99 6.36 -40.02
CA LEU A 156 -13.06 7.08 -39.15
C LEU A 156 -13.73 7.66 -37.91
N LEU A 157 -14.95 8.19 -38.06
CA LEU A 157 -15.73 8.72 -36.94
C LEU A 157 -16.14 7.59 -35.99
N LYS A 158 -16.51 6.41 -36.52
CA LYS A 158 -16.85 5.26 -35.67
C LYS A 158 -15.63 4.91 -34.82
N LYS A 159 -14.44 4.84 -35.43
CA LYS A 159 -13.19 4.55 -34.69
C LYS A 159 -12.83 5.68 -33.69
N HIS A 160 -13.02 6.95 -34.07
CA HIS A 160 -12.73 8.07 -33.20
C HIS A 160 -13.62 8.11 -31.96
N LYS A 161 -14.88 7.70 -32.12
CA LYS A 161 -15.79 7.64 -30.97
C LYS A 161 -15.36 6.49 -30.06
N ARG A 162 -14.86 5.35 -30.63
CA ARG A 162 -14.33 4.26 -29.80
C ARG A 162 -13.12 4.73 -29.01
N LEU A 163 -12.24 5.59 -29.62
CA LEU A 163 -11.08 6.18 -28.93
C LEU A 163 -11.56 7.10 -27.81
N GLU A 164 -12.54 7.98 -28.11
CA GLU A 164 -13.12 8.88 -27.11
C GLU A 164 -13.82 8.08 -25.98
N GLY A 165 -14.36 6.89 -26.31
CA GLY A 165 -14.99 5.99 -25.35
C GLY A 165 -13.98 5.33 -24.44
N GLU A 166 -12.87 4.87 -25.04
CA GLU A 166 -11.76 4.30 -24.28
C GLU A 166 -11.06 5.39 -23.43
N LEU A 167 -11.09 6.66 -23.88
CA LEU A 167 -10.43 7.80 -23.22
C LEU A 167 -11.15 8.40 -22.03
N VAL A 168 -12.40 8.87 -22.19
CA VAL A 168 -13.17 9.59 -21.14
C VAL A 168 -13.08 8.88 -19.77
N ALA A 169 -13.14 7.54 -19.80
CA ALA A 169 -13.05 6.69 -18.63
C ALA A 169 -11.65 6.61 -17.96
N HIS A 170 -10.59 7.26 -18.54
CA HIS A 170 -9.23 7.27 -17.99
C HIS A 170 -8.91 8.53 -17.19
N GLU A 171 -9.75 9.61 -17.28
CA GLU A 171 -9.50 10.83 -16.49
CA GLU A 171 -9.54 10.83 -16.49
C GLU A 171 -9.26 10.49 -15.01
N PRO A 172 -10.06 9.59 -14.35
CA PRO A 172 -9.78 9.28 -12.93
C PRO A 172 -8.49 8.47 -12.69
N ALA A 173 -8.12 7.55 -13.61
CA ALA A 173 -6.88 6.78 -13.49
C ALA A 173 -5.66 7.70 -13.58
N ILE A 174 -5.75 8.74 -14.44
CA ILE A 174 -4.71 9.74 -14.61
C ILE A 174 -4.73 10.68 -13.40
N GLN A 175 -5.93 11.10 -12.95
CA GLN A 175 -6.05 11.97 -11.78
C GLN A 175 -5.54 11.23 -10.51
N ASN A 176 -5.77 9.89 -10.40
CA ASN A 176 -5.28 9.05 -9.28
C ASN A 176 -3.74 9.11 -9.19
N VAL A 177 -3.05 9.22 -10.34
CA VAL A 177 -1.59 9.36 -10.36
C VAL A 177 -1.22 10.77 -9.88
N LEU A 178 -1.92 11.82 -10.37
CA LEU A 178 -1.62 13.20 -9.95
C LEU A 178 -2.03 13.47 -8.50
N ASP A 179 -3.06 12.78 -7.98
CA ASP A 179 -3.55 12.94 -6.60
C ASP A 179 -2.64 12.18 -5.68
N MET A 180 -2.34 10.91 -5.99
CA MET A 180 -1.42 10.11 -5.19
C MET A 180 -0.01 10.74 -5.18
N ALA A 181 0.36 11.53 -6.22
CA ALA A 181 1.62 12.27 -6.23
C ALA A 181 1.51 13.44 -5.21
N GLU A 182 0.29 14.00 -5.04
CA GLU A 182 0.01 15.07 -4.06
C GLU A 182 -0.03 14.47 -2.64
N LYS A 183 -0.67 13.29 -2.47
CA LYS A 183 -0.74 12.60 -1.16
C LYS A 183 0.66 12.14 -0.71
N LEU A 184 1.50 11.68 -1.66
CA LEU A 184 2.88 11.24 -1.39
C LEU A 184 3.91 12.31 -1.83
N LYS A 185 3.53 13.60 -1.79
CA LYS A 185 4.42 14.72 -2.13
C LYS A 185 5.50 14.86 -1.04
N ASP A 186 5.18 14.38 0.19
CA ASP A 186 6.05 14.41 1.37
C ASP A 186 7.34 13.60 1.23
N LYS A 187 7.26 12.32 0.79
CA LYS A 187 8.42 11.43 0.71
C LYS A 187 9.49 11.88 -0.29
N ALA A 188 10.76 11.52 -0.02
CA ALA A 188 11.93 11.87 -0.83
C ALA A 188 11.90 11.31 -2.25
N ALA A 189 11.65 9.98 -2.39
CA ALA A 189 11.61 9.27 -3.69
C ALA A 189 10.71 9.94 -4.75
N VAL A 190 9.61 10.59 -4.33
CA VAL A 190 8.73 11.32 -5.24
C VAL A 190 9.33 12.70 -5.52
N GLY A 191 9.89 13.34 -4.50
CA GLY A 191 10.49 14.67 -4.62
C GLY A 191 11.74 14.74 -5.50
N GLN A 192 12.38 13.58 -5.79
CA GLN A 192 13.58 13.52 -6.64
C GLN A 192 13.31 14.15 -8.01
N GLU A 193 14.26 14.95 -8.53
CA GLU A 193 14.13 15.66 -9.80
C GLU A 193 13.74 14.79 -11.01
N GLU A 194 14.14 13.50 -11.03
CA GLU A 194 13.79 12.60 -12.13
C GLU A 194 12.29 12.28 -12.13
N ILE A 195 11.68 12.14 -10.93
CA ILE A 195 10.26 11.85 -10.78
C ILE A 195 9.43 13.11 -11.02
N GLN A 196 9.93 14.27 -10.58
CA GLN A 196 9.26 15.57 -10.81
C GLN A 196 9.23 15.91 -12.31
N LEU A 197 10.25 15.48 -13.06
CA LEU A 197 10.27 15.67 -14.51
C LEU A 197 9.24 14.73 -15.14
N ARG A 198 9.25 13.44 -14.74
CA ARG A 198 8.30 12.46 -15.28
C ARG A 198 6.86 12.90 -15.07
N LEU A 199 6.55 13.48 -13.90
CA LEU A 199 5.19 13.94 -13.61
C LEU A 199 4.79 15.13 -14.48
N ALA A 200 5.73 16.06 -14.75
CA ALA A 200 5.47 17.20 -15.62
C ALA A 200 5.24 16.73 -17.06
N GLN A 201 6.07 15.79 -17.53
CA GLN A 201 5.97 15.20 -18.87
C GLN A 201 4.68 14.37 -19.03
N PHE A 202 4.30 13.65 -17.97
CA PHE A 202 3.07 12.85 -17.90
C PHE A 202 1.85 13.78 -18.12
N VAL A 203 1.81 14.91 -17.39
CA VAL A 203 0.79 15.96 -17.57
C VAL A 203 0.86 16.56 -18.99
N GLU A 204 2.08 16.86 -19.50
CA GLU A 204 2.29 17.40 -20.86
C GLU A 204 1.73 16.45 -21.93
N HIS A 205 2.00 15.14 -21.80
CA HIS A 205 1.52 14.15 -22.77
C HIS A 205 0.02 13.91 -22.66
N TRP A 206 -0.53 13.98 -21.44
CA TRP A 206 -1.98 13.82 -21.21
C TRP A 206 -2.73 14.97 -21.88
N GLU A 207 -2.30 16.23 -21.61
CA GLU A 207 -2.95 17.40 -22.22
CA GLU A 207 -2.96 17.39 -22.22
C GLU A 207 -2.78 17.41 -23.74
N LYS A 208 -1.59 16.96 -24.25
CA LYS A 208 -1.36 16.91 -25.70
C LYS A 208 -2.31 15.88 -26.31
N LEU A 209 -2.47 14.71 -25.66
CA LEU A 209 -3.41 13.67 -26.12
C LEU A 209 -4.84 14.23 -26.19
N LYS A 210 -5.26 14.96 -25.12
CA LYS A 210 -6.60 15.58 -25.11
C LYS A 210 -6.72 16.67 -26.19
N GLU A 211 -5.66 17.48 -26.44
CA GLU A 211 -5.69 18.53 -27.47
C GLU A 211 -5.79 17.92 -28.86
N LEU A 212 -5.09 16.79 -29.07
CA LEU A 212 -5.14 16.11 -30.36
C LEU A 212 -6.48 15.41 -30.60
N ALA A 213 -7.04 14.71 -29.59
CA ALA A 213 -8.29 13.98 -29.76
C ALA A 213 -9.45 14.92 -30.04
N LYS A 214 -9.52 16.03 -29.28
CA LYS A 214 -10.55 17.06 -29.45
C LYS A 214 -10.49 17.65 -30.87
N ALA A 215 -9.29 18.10 -31.28
CA ALA A 215 -9.04 18.68 -32.59
C ALA A 215 -9.38 17.70 -33.73
N ARG A 216 -8.99 16.42 -33.58
CA ARG A 216 -9.27 15.42 -34.64
C ARG A 216 -10.78 15.18 -34.78
N GLY A 217 -11.50 15.09 -33.66
CA GLY A 217 -12.94 14.87 -33.68
C GLY A 217 -13.67 15.99 -34.40
N LEU A 218 -13.25 17.23 -34.17
CA LEU A 218 -13.89 18.38 -34.83
C LEU A 218 -13.61 18.36 -36.33
N LYS A 219 -12.36 18.04 -36.72
CA LYS A 219 -12.00 17.92 -38.13
C LYS A 219 -12.79 16.81 -38.80
N LEU A 220 -13.01 15.68 -38.11
CA LEU A 220 -13.82 14.60 -38.65
C LEU A 220 -15.29 14.99 -38.84
N GLU A 221 -15.86 15.76 -37.88
CA GLU A 221 -17.24 16.22 -38.06
C GLU A 221 -17.30 17.21 -39.24
N GLU A 222 -16.29 18.10 -39.40
CA GLU A 222 -16.26 19.05 -40.52
C GLU A 222 -16.14 18.32 -41.85
N SER A 223 -15.36 17.24 -41.86
CA SER A 223 -15.19 16.42 -43.04
C SER A 223 -16.49 15.69 -43.42
N LEU A 224 -17.19 15.14 -42.43
CA LEU A 224 -18.44 14.45 -42.72
C LEU A 224 -19.42 15.41 -43.37
N GLU A 225 -19.56 16.61 -42.80
CA GLU A 225 -20.46 17.61 -43.38
C GLU A 225 -20.07 17.97 -44.80
N TYR A 226 -18.78 18.21 -45.04
CA TYR A 226 -18.29 18.51 -46.39
C TYR A 226 -18.57 17.38 -47.38
N LEU A 227 -18.19 16.15 -47.01
CA LEU A 227 -18.36 14.99 -47.88
C LEU A 227 -19.83 14.64 -48.13
N GLN A 228 -20.74 14.95 -47.20
CA GLN A 228 -22.19 14.74 -47.41
C GLN A 228 -22.73 15.66 -48.52
N PHE A 229 -22.16 16.87 -48.69
CA PHE A 229 -22.57 17.80 -49.76
C PHE A 229 -21.81 17.52 -51.03
N MET A 230 -20.55 17.07 -50.92
CA MET A 230 -19.71 16.84 -52.08
C MET A 230 -19.83 15.42 -52.73
N GLN A 231 -20.64 14.49 -52.15
CA GLN A 231 -20.82 13.11 -52.69
C GLN A 231 -21.50 13.00 -54.06
#